data_6JDX
#
_entry.id   6JDX
#
_cell.length_a   55.374
_cell.length_b   77.236
_cell.length_c   107.601
_cell.angle_alpha   90.00
_cell.angle_beta   90.00
_cell.angle_gamma   90.00
#
_symmetry.space_group_name_H-M   'P 21 21 21'
#
loop_
_entity.id
_entity.type
_entity.pdbx_description
1 polymer AcrIIC2
2 polymer 'CRISPR-associated endonuclease Cas9'
3 non-polymer 1,2-ETHANEDIOL
4 water water
#
loop_
_entity_poly.entity_id
_entity_poly.type
_entity_poly.pdbx_seq_one_letter_code
_entity_poly.pdbx_strand_id
1 'polypeptide(L)'
;SMSKNNIFNKYPTIIHGEARGENDEFVVHTRYPRFLARKSFDDNFTGEMPAKPVNGELGQIGEPRRLAYDSRLGLWLSDF
IMLDNNKPKNMEDWLGQLKAACDRIAADDLMLNEDAADLEGWDD
;
A,B
2 'polypeptide(L)' SMAAFKPNSINYILGLDIGIASVGWAMVEIDEEENPIRLIDLGVRVFERAEVPKTGDSLAMARRLARSVRRLTRRRAH C
#
loop_
_chem_comp.id
_chem_comp.type
_chem_comp.name
_chem_comp.formula
EDO non-polymer 1,2-ETHANEDIOL 'C2 H6 O2'
#
# COMPACT_ATOMS: atom_id res chain seq x y z
N SER A 1 -18.70 -4.53 -1.44
CA SER A 1 -18.49 -5.93 -1.06
C SER A 1 -18.08 -6.07 0.39
N MET A 2 -18.87 -6.74 1.17
CA MET A 2 -18.54 -6.96 2.55
C MET A 2 -17.24 -7.75 2.73
N SER A 3 -16.96 -8.73 1.90
CA SER A 3 -15.76 -9.52 2.06
C SER A 3 -14.43 -8.79 1.91
N LYS A 4 -14.37 -8.02 0.84
CA LYS A 4 -13.25 -7.16 0.52
C LYS A 4 -13.20 -6.06 1.52
N ASN A 5 -14.37 -5.55 1.94
CA ASN A 5 -14.41 -4.53 2.92
C ASN A 5 -13.90 -5.05 4.24
N ASN A 6 -14.19 -6.29 4.56
CA ASN A 6 -13.71 -6.90 5.74
C ASN A 6 -12.21 -6.91 5.75
N ILE A 7 -11.56 -7.23 4.66
CA ILE A 7 -10.10 -7.11 4.60
C ILE A 7 -9.52 -5.68 4.60
N PHE A 8 -10.11 -4.79 3.84
CA PHE A 8 -9.67 -3.42 3.78
C PHE A 8 -9.70 -2.79 5.18
N ASN A 9 -10.73 -3.11 5.92
CA ASN A 9 -10.90 -2.50 7.23
C ASN A 9 -9.90 -2.99 8.27
N LYS A 10 -9.15 -4.06 7.99
CA LYS A 10 -8.06 -4.47 8.88
C LYS A 10 -6.81 -3.61 8.73
N TYR A 11 -6.74 -2.72 7.70
CA TYR A 11 -5.62 -1.82 7.43
C TYR A 11 -5.84 -0.48 8.13
N PRO A 12 -4.76 0.23 8.43
CA PRO A 12 -4.92 1.63 8.86
C PRO A 12 -5.60 2.43 7.76
N THR A 13 -6.27 3.51 8.17
CA THR A 13 -7.07 4.27 7.22
C THR A 13 -6.21 4.86 6.11
N ILE A 14 -5.02 5.34 6.45
CA ILE A 14 -4.13 6.01 5.51
C ILE A 14 -2.81 5.26 5.47
N ILE A 15 -2.35 4.94 4.26
CA ILE A 15 -1.06 4.31 4.04
C ILE A 15 -0.23 5.23 3.15
N HIS A 16 0.95 5.63 3.64
CA HIS A 16 1.83 6.53 2.91
C HIS A 16 2.89 5.70 2.20
N GLY A 17 3.11 5.98 0.91
CA GLY A 17 3.94 5.11 0.11
C GLY A 17 5.09 5.80 -0.60
N GLU A 18 6.08 4.99 -0.97
CA GLU A 18 7.26 5.42 -1.70
C GLU A 18 7.61 4.32 -2.69
N ALA A 19 8.48 4.64 -3.63
CA ALA A 19 8.95 3.66 -4.60
C ALA A 19 10.42 3.90 -4.89
N ARG A 20 11.12 2.84 -5.20
CA ARG A 20 12.51 2.87 -5.52
C ARG A 20 12.71 3.69 -6.72
N GLY A 21 13.62 4.62 -6.62
CA GLY A 21 13.88 5.50 -7.71
C GLY A 21 12.78 6.43 -8.13
N GLU A 22 11.87 6.80 -7.29
CA GLU A 22 10.85 7.73 -7.67
C GLU A 22 10.86 8.90 -6.71
N ASN A 23 10.79 10.09 -7.23
CA ASN A 23 10.68 11.29 -6.44
C ASN A 23 9.33 11.52 -5.83
N ASP A 24 8.30 11.21 -6.57
CA ASP A 24 6.91 11.33 -6.13
C ASP A 24 6.61 10.26 -5.07
N GLU A 25 5.65 10.57 -4.23
CA GLU A 25 5.15 9.71 -3.22
C GLU A 25 3.74 9.22 -3.53
N PHE A 26 3.18 8.35 -2.71
CA PHE A 26 1.90 7.73 -3.02
C PHE A 26 1.07 7.57 -1.75
N VAL A 27 -0.21 7.26 -1.93
CA VAL A 27 -1.09 7.09 -0.78
C VAL A 27 -2.17 6.07 -1.12
N VAL A 28 -2.57 5.31 -0.11
CA VAL A 28 -3.71 4.41 -0.18
C VAL A 28 -4.68 4.79 0.92
N HIS A 29 -5.93 5.02 0.55
CA HIS A 29 -7.01 5.24 1.51
C HIS A 29 -7.85 3.97 1.55
N THR A 30 -7.90 3.34 2.73
CA THR A 30 -8.53 2.05 2.94
C THR A 30 -9.93 2.13 3.53
N ARG A 31 -10.47 3.33 3.76
CA ARG A 31 -11.87 3.49 4.14
C ARG A 31 -12.62 4.13 2.99
N TYR A 32 -13.94 4.07 3.05
CA TYR A 32 -14.75 4.65 1.99
C TYR A 32 -14.50 6.14 1.86
N PRO A 33 -14.33 6.66 0.64
CA PRO A 33 -14.05 5.96 -0.61
C PRO A 33 -12.59 5.49 -0.70
N ARG A 34 -12.40 4.25 -0.98
CA ARG A 34 -11.11 3.70 -1.10
C ARG A 34 -10.42 4.03 -2.39
N PHE A 35 -9.16 4.35 -2.33
CA PHE A 35 -8.32 4.74 -3.46
C PHE A 35 -6.82 4.67 -3.35
N LEU A 36 -6.22 4.69 -4.49
CA LEU A 36 -4.83 4.78 -4.63
C LEU A 36 -4.58 6.11 -5.32
N ALA A 37 -3.63 6.86 -4.86
CA ALA A 37 -3.26 8.12 -5.43
C ALA A 37 -1.79 8.43 -5.38
N ARG A 38 -1.36 9.31 -6.26
CA ARG A 38 -0.03 9.82 -6.38
C ARG A 38 0.05 11.18 -5.66
N LYS A 39 1.11 11.34 -4.89
CA LYS A 39 1.38 12.48 -4.04
C LYS A 39 2.52 13.29 -4.67
N SER A 40 2.25 14.54 -5.01
CA SER A 40 3.27 15.44 -5.56
C SER A 40 3.24 16.76 -4.79
N PHE A 41 4.28 17.53 -4.95
CA PHE A 41 4.46 18.72 -4.20
C PHE A 41 4.79 20.00 -4.92
N ASP A 42 4.13 21.04 -4.50
CA ASP A 42 4.28 22.40 -4.97
C ASP A 42 5.49 23.11 -4.46
N ASP A 43 5.65 24.30 -5.02
CA ASP A 43 6.57 25.34 -4.61
C ASP A 43 6.04 25.91 -3.26
N ASN A 44 4.74 25.88 -3.00
CA ASN A 44 4.16 26.31 -1.76
C ASN A 44 4.30 25.34 -0.57
N PHE A 45 4.96 24.21 -0.74
CA PHE A 45 5.11 23.31 0.36
C PHE A 45 6.23 23.74 1.30
N THR A 46 5.85 24.04 2.52
CA THR A 46 6.79 24.38 3.56
C THR A 46 6.78 23.38 4.68
N GLY A 47 5.66 22.73 4.87
CA GLY A 47 5.53 21.76 5.92
C GLY A 47 5.03 22.27 7.23
N GLU A 48 4.77 23.53 7.30
CA GLU A 48 4.31 24.07 8.56
C GLU A 48 2.94 23.61 8.82
N MET A 49 2.68 23.30 10.05
CA MET A 49 1.37 22.90 10.41
C MET A 49 0.52 24.11 10.28
N PRO A 50 -0.59 23.99 9.60
CA PRO A 50 -1.42 25.17 9.50
C PRO A 50 -2.08 25.49 10.80
N ALA A 51 -2.61 26.70 10.89
CA ALA A 51 -3.31 27.07 12.08
C ALA A 51 -4.59 26.37 11.94
N LYS A 52 -5.34 26.79 10.97
CA LYS A 52 -6.64 26.20 10.71
C LYS A 52 -6.53 24.79 10.15
N PRO A 53 -7.57 24.00 10.29
CA PRO A 53 -7.61 22.65 9.76
C PRO A 53 -7.55 22.63 8.27
N VAL A 54 -6.95 21.63 7.69
CA VAL A 54 -6.84 21.55 6.26
C VAL A 54 -8.17 21.62 5.52
N ASN A 55 -8.20 22.44 4.51
CA ASN A 55 -9.39 22.61 3.70
C ASN A 55 -8.91 22.74 2.28
N GLY A 56 -8.75 21.63 1.58
CA GLY A 56 -8.23 21.59 0.22
C GLY A 56 -9.31 21.81 -0.81
N GLU A 57 -9.01 21.37 -2.04
CA GLU A 57 -9.96 21.54 -3.13
C GLU A 57 -9.83 20.40 -4.13
N LEU A 58 -10.97 19.81 -4.50
CA LEU A 58 -11.05 18.88 -5.60
C LEU A 58 -11.32 19.64 -6.89
N GLY A 59 -10.97 19.04 -8.02
CA GLY A 59 -11.28 19.68 -9.29
C GLY A 59 -10.92 18.78 -10.45
N GLN A 60 -11.23 19.29 -11.64
CA GLN A 60 -10.95 18.59 -12.90
C GLN A 60 -9.87 19.36 -13.64
N ILE A 61 -8.88 18.66 -14.19
CA ILE A 61 -7.80 19.30 -14.92
C ILE A 61 -7.22 18.34 -15.96
N GLY A 62 -6.42 18.90 -16.86
CA GLY A 62 -5.67 18.14 -17.83
C GLY A 62 -6.48 17.66 -19.01
N GLU A 63 -5.77 17.25 -20.05
CA GLU A 63 -6.38 16.56 -21.18
C GLU A 63 -5.71 15.18 -21.28
N PRO A 64 -6.45 14.08 -21.06
CA PRO A 64 -7.88 14.01 -20.75
C PRO A 64 -8.22 14.42 -19.32
N ARG A 65 -9.48 14.76 -19.09
CA ARG A 65 -9.88 15.30 -17.80
C ARG A 65 -9.74 14.27 -16.69
N ARG A 66 -9.07 14.64 -15.64
CA ARG A 66 -8.90 13.81 -14.51
C ARG A 66 -9.15 14.59 -13.24
N LEU A 67 -9.52 13.91 -12.20
CA LEU A 67 -9.70 14.55 -10.90
C LEU A 67 -8.33 14.83 -10.29
N ALA A 68 -8.29 15.86 -9.46
CA ALA A 68 -7.06 16.21 -8.76
C ALA A 68 -7.44 16.97 -7.49
N TYR A 69 -6.56 16.91 -6.50
CA TYR A 69 -6.76 17.52 -5.20
C TYR A 69 -5.58 18.43 -4.87
N ASP A 70 -5.88 19.66 -4.46
CA ASP A 70 -4.88 20.62 -4.01
C ASP A 70 -5.13 20.90 -2.52
N SER A 71 -4.17 20.52 -1.68
CA SER A 71 -4.33 20.80 -0.26
C SER A 71 -4.24 22.29 0.04
N ARG A 72 -3.68 23.03 -0.86
CA ARG A 72 -3.49 24.44 -0.76
C ARG A 72 -2.29 24.74 0.11
N LEU A 73 -1.67 23.70 0.65
CA LEU A 73 -0.45 23.82 1.43
C LEU A 73 0.75 23.15 0.75
N GLY A 74 0.67 22.91 -0.56
CA GLY A 74 1.77 22.34 -1.31
C GLY A 74 1.60 20.91 -1.76
N LEU A 75 0.72 20.13 -1.13
CA LEU A 75 0.55 18.74 -1.50
C LEU A 75 -0.62 18.59 -2.48
N TRP A 76 -0.37 17.91 -3.60
CA TRP A 76 -1.40 17.55 -4.56
C TRP A 76 -1.56 16.04 -4.59
N LEU A 77 -2.81 15.61 -4.77
CA LEU A 77 -3.14 14.21 -5.03
C LEU A 77 -3.71 14.10 -6.44
N SER A 78 -3.29 13.06 -7.16
CA SER A 78 -3.75 12.90 -8.53
C SER A 78 -3.66 11.44 -8.92
N ASP A 79 -4.04 11.15 -10.17
CA ASP A 79 -4.07 9.79 -10.70
C ASP A 79 -4.88 8.86 -9.81
N PHE A 80 -6.04 9.33 -9.35
CA PHE A 80 -6.89 8.54 -8.48
C PHE A 80 -7.28 7.23 -9.15
N ILE A 81 -7.18 6.13 -8.40
CA ILE A 81 -7.74 4.84 -8.79
C ILE A 81 -8.69 4.41 -7.69
N MET A 82 -9.99 4.39 -7.99
CA MET A 82 -10.97 3.94 -7.01
C MET A 82 -10.92 2.43 -6.86
N LEU A 83 -10.83 1.96 -5.62
CA LEU A 83 -10.71 0.54 -5.32
C LEU A 83 -12.04 -0.10 -4.93
N ASP A 84 -13.08 0.69 -4.64
CA ASP A 84 -14.40 0.15 -4.38
C ASP A 84 -15.10 -0.10 -5.71
N ASN A 85 -15.69 -1.28 -5.87
CA ASN A 85 -16.41 -1.54 -7.12
C ASN A 85 -17.79 -0.91 -7.13
N ASN A 86 -18.37 -0.64 -5.95
CA ASN A 86 -19.72 -0.08 -5.90
C ASN A 86 -19.73 1.32 -6.48
N LYS A 87 -20.77 1.60 -7.26
CA LYS A 87 -20.85 2.91 -7.91
C LYS A 87 -21.46 3.93 -6.96
N PRO A 88 -20.88 5.13 -6.88
CA PRO A 88 -21.47 6.16 -6.02
C PRO A 88 -22.93 6.41 -6.39
N LYS A 89 -23.78 6.43 -5.37
CA LYS A 89 -25.21 6.63 -5.60
C LYS A 89 -25.52 8.11 -5.85
N ASN A 90 -24.73 9.02 -5.30
CA ASN A 90 -24.95 10.46 -5.43
C ASN A 90 -23.61 11.13 -5.66
N MET A 91 -23.45 11.77 -6.83
CA MET A 91 -22.15 12.34 -7.21
C MET A 91 -21.67 13.40 -6.23
N GLU A 92 -22.54 14.28 -5.76
CA GLU A 92 -22.09 15.32 -4.84
C GLU A 92 -21.66 14.74 -3.49
N ASP A 93 -22.39 13.74 -2.98
CA ASP A 93 -22.01 13.10 -1.74
C ASP A 93 -20.63 12.47 -1.87
N TRP A 94 -20.43 11.73 -2.97
CA TRP A 94 -19.16 11.06 -3.23
C TRP A 94 -18.02 12.06 -3.34
N LEU A 95 -18.21 13.15 -4.09
CA LEU A 95 -17.15 14.14 -4.21
C LEU A 95 -16.81 14.77 -2.87
N GLY A 96 -17.83 15.00 -2.02
CA GLY A 96 -17.54 15.57 -0.72
C GLY A 96 -16.79 14.60 0.19
N GLN A 97 -17.11 13.31 0.09
CA GLN A 97 -16.41 12.32 0.89
C GLN A 97 -14.97 12.14 0.42
N LEU A 98 -14.75 12.09 -0.90
CA LEU A 98 -13.39 12.04 -1.43
C LEU A 98 -12.59 13.25 -0.99
N LYS A 99 -13.23 14.43 -0.96
CA LYS A 99 -12.52 15.64 -0.56
C LYS A 99 -12.16 15.61 0.92
N ALA A 100 -13.06 15.11 1.76
CA ALA A 100 -12.74 15.02 3.19
C ALA A 100 -11.62 14.02 3.44
N ALA A 101 -11.62 12.91 2.70
CA ALA A 101 -10.54 11.93 2.83
C ALA A 101 -9.21 12.54 2.40
N CYS A 102 -9.24 13.34 1.33
CA CYS A 102 -8.00 13.98 0.87
C CYS A 102 -7.49 15.00 1.88
N ASP A 103 -8.41 15.73 2.54
CA ASP A 103 -7.99 16.66 3.58
C ASP A 103 -7.31 15.92 4.73
N ARG A 104 -7.90 14.81 5.17
CA ARG A 104 -7.27 14.04 6.24
C ARG A 104 -5.91 13.49 5.80
N ILE A 105 -5.79 13.10 4.53
CA ILE A 105 -4.51 12.58 4.04
C ILE A 105 -3.45 13.68 4.05
N ALA A 106 -3.82 14.89 3.63
CA ALA A 106 -2.86 15.99 3.64
C ALA A 106 -2.38 16.32 5.04
N ALA A 107 -3.30 16.35 6.02
CA ALA A 107 -2.88 16.59 7.40
C ALA A 107 -1.96 15.48 7.91
N ASP A 108 -2.30 14.22 7.63
CA ASP A 108 -1.45 13.11 8.08
C ASP A 108 -0.09 13.18 7.41
N ASP A 109 -0.05 13.56 6.12
CA ASP A 109 1.23 13.72 5.45
C ASP A 109 2.06 14.83 6.07
N LEU A 110 1.41 15.89 6.54
CA LEU A 110 2.15 16.94 7.24
C LEU A 110 2.80 16.38 8.50
N MET A 111 2.07 15.58 9.27
CA MET A 111 2.68 14.98 10.45
C MET A 111 3.82 14.02 10.09
N LEU A 112 3.62 13.25 9.02
CA LEU A 112 4.65 12.31 8.57
C LEU A 112 5.91 13.06 8.13
N ASN A 113 5.74 14.20 7.46
CA ASN A 113 6.88 14.98 6.98
C ASN A 113 7.52 15.72 8.14
N GLU A 114 6.75 15.96 9.19
CA GLU A 114 7.29 16.55 10.40
C GLU A 114 8.22 15.56 11.09
N ASP A 115 7.87 14.28 11.06
CA ASP A 115 8.73 13.25 11.63
C ASP A 115 10.06 13.12 10.88
N ALA A 116 10.10 13.50 9.60
CA ALA A 116 11.34 13.50 8.86
C ALA A 116 12.15 14.78 9.08
N ALA A 117 11.45 15.90 9.24
CA ALA A 117 12.12 17.19 9.42
C ALA A 117 12.64 17.41 10.84
N ASP A 118 12.04 16.76 11.84
CA ASP A 118 12.45 16.96 13.22
C ASP A 118 13.69 16.15 13.61
N LEU A 119 14.44 15.65 12.62
CA LEU A 119 15.72 15.02 12.87
C LEU A 119 16.86 16.02 12.88
N GLU A 120 16.55 17.32 12.83
CA GLU A 120 17.55 18.37 12.60
C GLU A 120 17.54 19.45 13.69
N GLY A 121 17.05 19.13 14.88
CA GLY A 121 17.10 20.05 16.01
C GLY A 121 16.60 21.48 15.76
N MET B 2 -10.27 7.13 -18.53
CA MET B 2 -9.22 6.13 -18.68
C MET B 2 -9.46 4.79 -18.04
N SER B 3 -8.85 3.80 -18.68
CA SER B 3 -8.89 2.41 -18.31
C SER B 3 -8.23 2.30 -16.99
N LYS B 4 -8.77 1.47 -16.13
CA LYS B 4 -8.18 1.32 -14.82
C LYS B 4 -6.76 0.80 -14.92
N ASN B 5 -6.48 -0.15 -15.78
CA ASN B 5 -5.11 -0.66 -15.88
C ASN B 5 -4.18 0.29 -16.53
N ASN B 6 -4.73 1.15 -17.33
CA ASN B 6 -3.94 2.15 -17.97
C ASN B 6 -3.47 3.12 -16.95
N ILE B 7 -4.33 3.41 -15.98
CA ILE B 7 -3.98 4.26 -14.87
C ILE B 7 -3.00 3.59 -13.95
N PHE B 8 -3.21 2.32 -13.68
CA PHE B 8 -2.32 1.52 -12.85
C PHE B 8 -0.93 1.52 -13.46
N ASN B 9 -0.85 1.50 -14.79
CA ASN B 9 0.38 1.57 -15.52
C ASN B 9 1.10 2.87 -15.38
N LYS B 10 0.43 3.93 -15.06
CA LYS B 10 1.16 5.13 -14.66
C LYS B 10 1.94 4.98 -13.32
N TYR B 11 1.69 3.98 -12.51
CA TYR B 11 2.37 3.85 -11.22
C TYR B 11 3.60 2.94 -11.33
N PRO B 12 4.58 3.12 -10.45
CA PRO B 12 5.65 2.13 -10.35
C PRO B 12 5.07 0.77 -9.97
N THR B 13 5.79 -0.29 -10.35
CA THR B 13 5.25 -1.64 -10.16
C THR B 13 5.07 -1.97 -8.69
N ILE B 14 6.03 -1.58 -7.85
CA ILE B 14 5.99 -1.89 -6.44
C ILE B 14 5.98 -0.59 -5.65
N ILE B 15 5.01 -0.45 -4.74
CA ILE B 15 4.92 0.72 -3.88
C ILE B 15 5.02 0.24 -2.44
N HIS B 16 6.00 0.76 -1.71
CA HIS B 16 6.21 0.38 -0.32
C HIS B 16 5.57 1.42 0.59
N GLY B 17 4.81 0.95 1.57
CA GLY B 17 4.00 1.83 2.36
C GLY B 17 4.23 1.73 3.85
N GLU B 18 3.81 2.77 4.56
CA GLU B 18 3.92 2.87 6.00
C GLU B 18 2.70 3.59 6.52
N ALA B 19 2.50 3.51 7.83
CA ALA B 19 1.43 4.26 8.47
C ALA B 19 1.93 4.73 9.83
N ARG B 20 1.57 5.97 10.18
CA ARG B 20 1.96 6.49 11.48
C ARG B 20 1.31 5.68 12.58
N GLY B 21 2.10 5.33 13.60
CA GLY B 21 1.58 4.51 14.67
C GLY B 21 1.33 3.06 14.32
N GLU B 22 1.98 2.53 13.29
CA GLU B 22 1.98 1.12 12.99
C GLU B 22 3.41 0.60 12.95
N ASN B 23 3.59 -0.66 13.38
CA ASN B 23 4.90 -1.27 13.28
C ASN B 23 5.06 -2.02 11.96
N ASP B 24 3.96 -2.59 11.47
CA ASP B 24 3.98 -3.25 10.18
C ASP B 24 4.03 -2.22 9.05
N GLU B 25 4.52 -2.66 7.92
CA GLU B 25 4.57 -1.90 6.68
C GLU B 25 3.55 -2.48 5.72
N PHE B 26 3.49 -1.92 4.51
CA PHE B 26 2.47 -2.31 3.55
C PHE B 26 3.07 -2.29 2.16
N VAL B 27 2.36 -2.88 1.20
CA VAL B 27 2.88 -2.94 -0.16
C VAL B 27 1.70 -2.94 -1.13
N VAL B 28 1.93 -2.32 -2.29
CA VAL B 28 1.00 -2.33 -3.41
C VAL B 28 1.73 -2.86 -4.63
N HIS B 29 1.16 -3.88 -5.27
CA HIS B 29 1.65 -4.37 -6.55
C HIS B 29 0.66 -3.88 -7.61
N THR B 30 1.16 -3.06 -8.54
CA THR B 30 0.35 -2.39 -9.55
C THR B 30 0.37 -3.07 -10.90
N ARG B 31 1.09 -4.18 -11.07
CA ARG B 31 1.01 -4.98 -12.28
C ARG B 31 0.30 -6.28 -11.94
N TYR B 32 -0.19 -6.97 -12.97
CA TYR B 32 -0.90 -8.21 -12.74
C TYR B 32 0.00 -9.22 -12.04
N PRO B 33 -0.49 -9.93 -11.02
CA PRO B 33 -1.74 -9.66 -10.29
C PRO B 33 -1.63 -8.49 -9.31
N ARG B 34 -2.54 -7.52 -9.42
CA ARG B 34 -2.51 -6.34 -8.58
C ARG B 34 -3.10 -6.60 -7.20
N PHE B 35 -2.45 -6.06 -6.18
CA PHE B 35 -2.96 -6.29 -4.83
C PHE B 35 -2.37 -5.30 -3.83
N LEU B 36 -3.09 -5.16 -2.72
CA LEU B 36 -2.59 -4.50 -1.52
C LEU B 36 -2.30 -5.59 -0.50
N ALA B 37 -1.23 -5.41 0.27
CA ALA B 37 -0.89 -6.40 1.30
C ALA B 37 -0.19 -5.73 2.47
N ARG B 38 -0.26 -6.39 3.63
CA ARG B 38 0.48 -5.98 4.81
C ARG B 38 1.80 -6.74 4.86
N LYS B 39 2.89 -6.02 5.07
CA LYS B 39 4.25 -6.53 5.10
C LYS B 39 4.76 -6.49 6.54
N SER B 40 5.10 -7.65 7.09
CA SER B 40 5.62 -7.74 8.45
C SER B 40 6.88 -8.60 8.48
N PHE B 41 7.55 -8.63 9.64
CA PHE B 41 8.92 -9.14 9.74
C PHE B 41 9.09 -10.09 10.92
N ASP B 42 9.86 -11.15 10.68
CA ASP B 42 10.19 -12.18 11.67
C ASP B 42 11.22 -11.68 12.68
N ASP B 43 11.57 -12.56 13.62
CA ASP B 43 12.79 -12.40 14.40
C ASP B 43 14.02 -12.81 13.60
N ASN B 44 13.82 -13.59 12.54
CA ASN B 44 14.89 -14.03 11.66
C ASN B 44 15.20 -13.04 10.54
N PHE B 45 14.57 -11.87 10.51
CA PHE B 45 14.82 -10.92 9.45
C PHE B 45 16.09 -10.11 9.73
N THR B 46 17.04 -10.17 8.80
CA THR B 46 18.28 -9.43 8.92
C THR B 46 18.42 -8.31 7.91
N GLY B 47 17.77 -8.41 6.74
CA GLY B 47 17.86 -7.39 5.72
C GLY B 47 19.02 -7.54 4.76
N GLU B 48 19.83 -8.57 4.91
CA GLU B 48 20.98 -8.79 4.04
C GLU B 48 20.53 -9.38 2.72
N MET B 49 21.14 -8.97 1.64
CA MET B 49 20.76 -9.49 0.36
C MET B 49 21.15 -10.92 0.26
N PRO B 50 20.20 -11.81 0.07
CA PRO B 50 20.59 -13.20 0.01
C PRO B 50 21.48 -13.55 -1.17
N ALA B 51 22.28 -14.58 -0.93
CA ALA B 51 23.23 -15.11 -1.88
C ALA B 51 22.49 -15.65 -3.08
N LYS B 52 21.44 -16.37 -2.82
CA LYS B 52 20.63 -16.81 -3.93
C LYS B 52 19.43 -15.87 -4.03
N PRO B 53 18.72 -15.90 -5.15
CA PRO B 53 17.51 -15.15 -5.47
C PRO B 53 16.40 -15.45 -4.55
N VAL B 54 15.52 -14.51 -4.29
CA VAL B 54 14.46 -14.76 -3.33
C VAL B 54 13.58 -15.90 -3.79
N ASN B 55 13.26 -16.78 -2.91
CA ASN B 55 12.43 -17.92 -3.26
C ASN B 55 11.56 -18.22 -2.04
N GLY B 56 10.41 -17.55 -1.99
CA GLY B 56 9.48 -17.72 -0.90
C GLY B 56 8.49 -18.83 -1.20
N GLU B 57 7.41 -18.84 -0.42
CA GLU B 57 6.35 -19.83 -0.59
C GLU B 57 5.03 -19.27 -0.11
N LEU B 58 3.97 -19.58 -0.84
CA LEU B 58 2.64 -19.26 -0.37
C LEU B 58 2.17 -20.37 0.58
N GLY B 59 1.20 -20.03 1.42
CA GLY B 59 0.70 -21.00 2.35
C GLY B 59 -0.52 -20.48 3.08
N GLN B 60 -1.02 -21.32 3.99
CA GLN B 60 -2.19 -21.01 4.79
C GLN B 60 -1.76 -20.78 6.24
N ILE B 61 -2.37 -19.79 6.89
CA ILE B 61 -1.98 -19.45 8.25
C ILE B 61 -3.19 -18.91 8.99
N GLY B 62 -3.14 -18.96 10.32
CA GLY B 62 -4.18 -18.43 11.16
C GLY B 62 -5.39 -19.33 11.28
N GLU B 63 -6.33 -18.88 12.12
CA GLU B 63 -7.66 -19.47 12.26
C GLU B 63 -8.67 -18.33 12.34
N PRO B 64 -9.50 -18.11 11.31
CA PRO B 64 -9.62 -18.93 10.09
C PRO B 64 -8.39 -18.87 9.19
N ARG B 65 -8.18 -19.94 8.42
CA ARG B 65 -6.99 -20.03 7.58
C ARG B 65 -7.10 -19.08 6.40
N ARG B 66 -6.08 -18.22 6.25
CA ARG B 66 -6.00 -17.24 5.18
C ARG B 66 -4.69 -17.45 4.43
N LEU B 67 -4.66 -17.03 3.17
CA LEU B 67 -3.45 -17.11 2.39
C LEU B 67 -2.42 -16.10 2.89
N ALA B 68 -1.15 -16.47 2.78
CA ALA B 68 -0.05 -15.63 3.19
C ALA B 68 1.20 -16.07 2.44
N TYR B 69 2.19 -15.19 2.42
CA TYR B 69 3.44 -15.45 1.72
C TYR B 69 4.58 -15.34 2.72
N ASP B 70 5.45 -16.35 2.73
CA ASP B 70 6.64 -16.35 3.57
C ASP B 70 7.85 -16.28 2.63
N SER B 71 8.59 -15.18 2.72
CA SER B 71 9.78 -15.05 1.88
C SER B 71 10.87 -16.02 2.29
N ARG B 72 10.76 -16.62 3.47
CA ARG B 72 11.77 -17.49 4.08
C ARG B 72 13.01 -16.70 4.46
N LEU B 73 12.96 -15.37 4.33
CA LEU B 73 14.01 -14.47 4.79
C LEU B 73 13.56 -13.59 5.96
N GLY B 74 12.39 -13.86 6.54
CA GLY B 74 11.88 -13.05 7.62
C GLY B 74 10.75 -12.12 7.23
N LEU B 75 10.61 -11.84 5.93
CA LEU B 75 9.57 -10.94 5.44
C LEU B 75 8.33 -11.73 5.06
N TRP B 76 7.19 -11.31 5.60
CA TRP B 76 5.89 -11.88 5.30
C TRP B 76 4.99 -10.86 4.62
N LEU B 77 4.17 -11.35 3.69
CA LEU B 77 3.06 -10.59 3.13
C LEU B 77 1.77 -11.29 3.52
N SER B 78 0.76 -10.52 3.87
CA SER B 78 -0.51 -11.09 4.33
C SER B 78 -1.64 -10.10 4.06
N ASP B 79 -2.85 -10.50 4.43
CA ASP B 79 -4.06 -9.69 4.21
C ASP B 79 -4.19 -9.22 2.77
N PHE B 80 -3.93 -10.12 1.82
CA PHE B 80 -4.02 -9.76 0.41
C PHE B 80 -5.40 -9.25 0.05
N ILE B 81 -5.45 -8.14 -0.68
CA ILE B 81 -6.66 -7.68 -1.34
C ILE B 81 -6.34 -7.57 -2.82
N MET B 82 -6.93 -8.44 -3.63
CA MET B 82 -6.70 -8.38 -5.07
C MET B 82 -7.44 -7.19 -5.65
N LEU B 83 -6.73 -6.39 -6.45
CA LEU B 83 -7.30 -5.18 -7.01
C LEU B 83 -7.84 -5.36 -8.42
N ASP B 84 -7.49 -6.44 -9.13
CA ASP B 84 -8.12 -6.72 -10.41
C ASP B 84 -9.45 -7.42 -10.12
N ASN B 85 -10.54 -6.94 -10.74
CA ASN B 85 -11.85 -7.52 -10.46
C ASN B 85 -12.13 -8.84 -11.18
N ASN B 86 -11.43 -9.14 -12.29
CA ASN B 86 -11.65 -10.38 -13.04
C ASN B 86 -11.05 -11.57 -12.29
N LYS B 87 -11.84 -12.63 -12.13
CA LYS B 87 -11.36 -13.84 -11.47
C LYS B 87 -10.47 -14.65 -12.41
N PRO B 88 -9.39 -15.27 -11.91
CA PRO B 88 -8.40 -15.92 -12.77
C PRO B 88 -8.91 -17.24 -13.36
N LYS B 89 -8.60 -17.47 -14.64
CA LYS B 89 -9.13 -18.68 -15.26
C LYS B 89 -8.31 -19.92 -14.89
N ASN B 90 -7.02 -19.77 -14.50
CA ASN B 90 -6.21 -20.92 -14.06
C ASN B 90 -5.56 -20.58 -12.73
N MET B 91 -6.02 -21.23 -11.66
CA MET B 91 -5.54 -20.94 -10.30
C MET B 91 -4.08 -21.32 -10.09
N GLU B 92 -3.60 -22.41 -10.69
CA GLU B 92 -2.20 -22.78 -10.51
C GLU B 92 -1.30 -21.71 -11.12
N ASP B 93 -1.66 -21.23 -12.30
CA ASP B 93 -0.93 -20.12 -12.91
C ASP B 93 -1.01 -18.89 -12.02
N TRP B 94 -2.20 -18.61 -11.48
CA TRP B 94 -2.39 -17.46 -10.61
C TRP B 94 -1.51 -17.54 -9.36
N LEU B 95 -1.49 -18.70 -8.70
CA LEU B 95 -0.66 -18.84 -7.51
C LEU B 95 0.82 -18.68 -7.83
N GLY B 96 1.25 -19.18 -9.00
CA GLY B 96 2.64 -19.01 -9.37
C GLY B 96 2.97 -17.55 -9.66
N GLN B 97 2.01 -16.84 -10.24
CA GLN B 97 2.21 -15.42 -10.53
C GLN B 97 2.24 -14.59 -9.25
N LEU B 98 1.31 -14.84 -8.33
CA LEU B 98 1.32 -14.15 -7.05
C LEU B 98 2.60 -14.42 -6.27
N LYS B 99 3.08 -15.65 -6.30
CA LYS B 99 4.29 -15.99 -5.56
C LYS B 99 5.51 -15.32 -6.17
N ALA B 100 5.60 -15.29 -7.50
CA ALA B 100 6.72 -14.62 -8.13
C ALA B 100 6.68 -13.11 -7.87
N ALA B 101 5.49 -12.52 -7.88
CA ALA B 101 5.37 -11.10 -7.57
C ALA B 101 5.79 -10.82 -6.13
N CYS B 102 5.42 -11.71 -5.21
CA CYS B 102 5.84 -11.55 -3.82
C CYS B 102 7.35 -11.68 -3.67
N ASP B 103 7.96 -12.60 -4.43
CA ASP B 103 9.43 -12.70 -4.40
C ASP B 103 10.06 -11.40 -4.89
N ARG B 104 9.53 -10.84 -5.97
CA ARG B 104 10.06 -9.58 -6.48
C ARG B 104 9.85 -8.46 -5.46
N ILE B 105 8.73 -8.48 -4.74
CA ILE B 105 8.46 -7.45 -3.73
C ILE B 105 9.46 -7.55 -2.57
N ALA B 106 9.73 -8.77 -2.10
CA ALA B 106 10.70 -8.93 -1.02
C ALA B 106 12.10 -8.48 -1.46
N ALA B 107 12.49 -8.82 -2.67
CA ALA B 107 13.74 -8.38 -3.19
C ALA B 107 13.75 -6.89 -3.28
N ASP B 108 12.69 -6.30 -3.79
CA ASP B 108 12.60 -4.86 -3.89
C ASP B 108 12.80 -4.15 -2.57
N ASP B 109 12.22 -4.65 -1.52
CA ASP B 109 12.34 -4.11 -0.21
C ASP B 109 13.75 -4.18 0.29
N LEU B 110 14.42 -5.28 0.01
CA LEU B 110 15.78 -5.44 0.41
C LEU B 110 16.62 -4.45 -0.30
N MET B 111 16.40 -4.30 -1.57
CA MET B 111 17.17 -3.36 -2.30
C MET B 111 16.92 -1.92 -1.86
N LEU B 112 15.71 -1.60 -1.51
CA LEU B 112 15.36 -0.30 -1.07
C LEU B 112 16.05 0.05 0.20
N ASN B 113 16.08 -0.85 1.14
CA ASN B 113 16.62 -0.56 2.44
C ASN B 113 18.06 -1.01 2.64
N GLU B 114 18.70 -1.37 1.57
CA GLU B 114 20.07 -1.91 1.60
C GLU B 114 21.10 -0.84 1.95
N ASP B 115 21.93 -1.14 2.94
CA ASP B 115 23.02 -0.26 3.37
C ASP B 115 24.35 -0.65 2.73
N GLU C 32 -22.37 -21.73 -1.99
CA GLU C 32 -22.57 -20.75 -3.05
C GLU C 32 -22.67 -21.43 -4.41
N GLU C 33 -21.55 -21.50 -5.13
CA GLU C 33 -21.52 -22.10 -6.46
C GLU C 33 -21.54 -23.62 -6.37
N GLU C 34 -21.81 -24.25 -7.51
CA GLU C 34 -21.63 -25.69 -7.61
C GLU C 34 -20.15 -26.04 -7.66
N ASN C 35 -19.77 -27.10 -6.93
CA ASN C 35 -18.40 -27.59 -6.88
C ASN C 35 -17.37 -26.50 -6.59
N PRO C 36 -17.55 -25.71 -5.52
CA PRO C 36 -16.61 -24.61 -5.27
C PRO C 36 -15.21 -25.11 -4.97
N ILE C 37 -14.24 -24.20 -5.10
CA ILE C 37 -12.83 -24.50 -4.91
C ILE C 37 -12.34 -23.61 -3.77
N ARG C 38 -12.07 -24.21 -2.62
CA ARG C 38 -11.60 -23.48 -1.45
C ARG C 38 -10.08 -23.45 -1.42
N LEU C 39 -9.54 -22.69 -0.44
CA LEU C 39 -8.09 -22.56 -0.29
C LEU C 39 -7.43 -23.92 -0.13
N ILE C 40 -8.06 -24.81 0.64
CA ILE C 40 -7.45 -26.11 0.93
C ILE C 40 -7.44 -27.04 -0.27
N ASP C 41 -8.23 -26.75 -1.31
CA ASP C 41 -8.25 -27.59 -2.50
C ASP C 41 -7.15 -27.26 -3.49
N LEU C 42 -6.43 -26.16 -3.27
CA LEU C 42 -5.43 -25.70 -4.22
C LEU C 42 -4.06 -26.36 -4.02
N GLY C 43 -3.92 -27.19 -3.00
CA GLY C 43 -2.64 -27.80 -2.73
C GLY C 43 -1.63 -26.80 -2.19
N VAL C 44 -2.06 -25.95 -1.27
CA VAL C 44 -1.23 -24.91 -0.69
C VAL C 44 -0.98 -25.29 0.77
N ARG C 45 0.28 -25.51 1.12
CA ARG C 45 0.65 -26.03 2.43
C ARG C 45 0.14 -25.13 3.56
N VAL C 46 -0.08 -25.74 4.75
CA VAL C 46 -0.42 -25.01 5.96
C VAL C 46 0.87 -24.61 6.65
N PHE C 47 0.94 -23.36 7.09
CA PHE C 47 2.15 -22.87 7.74
C PHE C 47 2.25 -23.42 9.17
N GLU C 48 3.50 -23.67 9.56
CA GLU C 48 3.82 -24.08 10.92
C GLU C 48 3.41 -23.03 11.94
N ARG C 49 3.65 -21.76 11.63
CA ARG C 49 3.35 -20.68 12.56
C ARG C 49 1.84 -20.57 12.77
N ALA C 50 1.47 -20.22 14.00
CA ALA C 50 0.05 -20.03 14.30
C ALA C 50 -0.50 -18.78 13.63
N GLU C 51 0.25 -17.69 13.65
CA GLU C 51 -0.26 -16.40 13.19
C GLU C 51 0.78 -15.69 12.34
N VAL C 52 0.32 -14.71 11.56
CA VAL C 52 1.21 -13.82 10.84
C VAL C 52 2.03 -13.01 11.85
N PRO C 53 3.36 -12.96 11.69
CA PRO C 53 4.17 -12.23 12.69
C PRO C 53 3.85 -10.75 12.69
N LYS C 54 3.97 -10.14 13.86
CA LYS C 54 3.83 -8.69 14.01
C LYS C 54 5.22 -8.09 14.24
N THR C 55 5.57 -7.09 13.43
CA THR C 55 6.89 -6.47 13.54
C THR C 55 7.10 -5.89 14.93
N GLY C 56 8.25 -6.20 15.53
CA GLY C 56 8.54 -5.75 16.87
C GLY C 56 9.05 -4.33 16.91
N ASP C 57 8.99 -3.74 18.12
CA ASP C 57 9.29 -2.32 18.30
C ASP C 57 10.68 -1.96 17.78
N SER C 58 11.69 -2.77 18.07
CA SER C 58 13.06 -2.39 17.77
C SER C 58 13.32 -2.35 16.26
N LEU C 59 13.02 -3.44 15.57
CA LEU C 59 13.18 -3.47 14.12
C LEU C 59 12.31 -2.40 13.48
N ALA C 60 11.08 -2.23 13.97
CA ALA C 60 10.18 -1.26 13.40
C ALA C 60 10.74 0.16 13.51
N MET C 61 11.35 0.49 14.65
CA MET C 61 11.88 1.83 14.82
C MET C 61 13.09 2.05 13.92
N ALA C 62 13.94 1.03 13.76
CA ALA C 62 15.06 1.16 12.82
C ALA C 62 14.55 1.42 11.41
N ARG C 63 13.58 0.68 10.99
CA ARG C 63 13.04 0.83 9.68
C ARG C 63 12.34 2.15 9.50
N ARG C 64 11.66 2.61 10.52
CA ARG C 64 10.97 3.89 10.48
C ARG C 64 11.96 5.04 10.31
N LEU C 65 13.06 5.00 11.07
CA LEU C 65 14.08 6.04 10.92
C LEU C 65 14.68 6.02 9.53
N ALA C 66 14.87 4.86 8.93
CA ALA C 66 15.37 4.81 7.58
C ALA C 66 14.37 5.43 6.58
N ARG C 67 13.09 5.23 6.77
CA ARG C 67 12.12 5.85 5.93
C ARG C 67 12.18 7.34 6.08
N SER C 68 12.29 7.84 7.28
CA SER C 68 12.34 9.25 7.50
C SER C 68 13.51 9.90 6.81
N VAL C 69 14.65 9.27 6.87
CA VAL C 69 15.85 9.71 6.22
C VAL C 69 15.64 9.80 4.73
N ARG C 70 15.06 8.78 4.14
CA ARG C 70 14.77 8.76 2.74
C ARG C 70 13.80 9.88 2.37
N ARG C 71 12.81 10.11 3.17
CA ARG C 71 11.87 11.14 2.95
C ARG C 71 12.53 12.55 3.01
N LEU C 72 13.39 12.81 3.99
CA LEU C 72 14.13 14.03 4.11
C LEU C 72 14.87 14.26 2.83
N THR C 73 15.58 13.26 2.38
CA THR C 73 16.27 13.45 1.16
C THR C 73 15.38 13.71 -0.03
N ARG C 74 14.32 12.94 -0.20
CA ARG C 74 13.44 13.08 -1.35
C ARG C 74 12.89 14.51 -1.48
N ARG C 75 12.36 15.05 -0.39
CA ARG C 75 11.64 16.32 -0.42
C ARG C 75 12.57 17.54 -0.39
N ARG C 76 13.84 17.39 -0.66
CA ARG C 76 14.71 18.49 -0.65
C ARG C 76 15.81 18.28 -1.68
C1 EDO D . 8.10 8.13 8.94
O1 EDO D . 9.20 7.30 8.59
C2 EDO D . 8.07 8.75 10.29
O2 EDO D . 7.07 8.16 11.00
#